data_3FW6
#
_entry.id   3FW6
#
_cell.length_a   86.663
_cell.length_b   86.952
_cell.length_c   111.285
_cell.angle_alpha   90.00
_cell.angle_beta   90.00
_cell.angle_gamma   90.00
#
_symmetry.space_group_name_H-M   'P 21 21 21'
#
loop_
_entity.id
_entity.type
_entity.pdbx_description
1 polymer Cellulase
2 non-polymer 'ZINC ION'
3 water water
#
_entity_poly.entity_id   1
_entity_poly.type   'polypeptide(L)'
_entity_poly.pdbx_seq_one_letter_code
;MASMTGGQQMGRGSMQNPSVTISVNANAGRHPINPAVYGLAYATTATLADLNVPLHRYGGNNTSRYNWQLNADNRGADWY
FESIGEASSVAGERGDTFIANSQAAGAQAMITIPTIGWVARLGANRSKLASFSIAKYGAQSGNDWQWFPDAGNGVLTSGQ
NVTGNNPNDANTLVDSTFQQGWAQHLVSQWGTAAGGGLRYYILDNEPSIWFSTHRDVHPVGPTMDEIRDKMLDYGAKIKT
VDPSALIVGPEEWGWSGYTLSGYDQQYGGLHGWSFMPDRNNHGGWDYLPWLLDQLRQNNLSTGRRLLDVFSVHYYPQGGE
FGNDTSSAMQLRRNRSTRSLWDPNYIDETWINDKVQLIPRLKNWVSTYYPGTLTAITEYNWGAESHINGATTQADILGIF
GREGLDMAARWTTPDTATPTYKAIKMYRNYDGNKSAFGDTSVTATAPNPDNVSAFAAVRSSDGALTVMVINKYLSGNTPA
TINLSNFTAQAQAQVWQLTAANTINHLSNVSLSGSSLSLTLPAQSVTLLVIPAS
;
_entity_poly.pdbx_strand_id   A
#
loop_
_chem_comp.id
_chem_comp.type
_chem_comp.name
_chem_comp.formula
ZN non-polymer 'ZINC ION' 'Zn 2'
#
# COMPACT_ATOMS: atom_id res chain seq x y z
N GLN A 16 -24.75 -9.44 -26.04
CA GLN A 16 -25.28 -10.23 -24.87
C GLN A 16 -25.61 -9.24 -23.72
N ASN A 17 -24.69 -8.33 -23.44
CA ASN A 17 -24.90 -7.31 -22.40
C ASN A 17 -25.26 -5.96 -23.01
N PRO A 18 -25.94 -5.09 -22.24
CA PRO A 18 -26.31 -3.76 -22.76
C PRO A 18 -25.07 -2.96 -23.16
N SER A 19 -25.14 -2.32 -24.34
CA SER A 19 -24.05 -1.52 -24.87
C SER A 19 -23.64 -0.35 -23.98
N VAL A 20 -22.37 0.02 -24.07
CA VAL A 20 -21.85 1.14 -23.29
C VAL A 20 -21.09 2.12 -24.18
N THR A 21 -21.20 3.40 -23.83
CA THR A 21 -20.52 4.45 -24.57
C THR A 21 -19.50 5.10 -23.65
N ILE A 22 -18.25 5.11 -24.08
CA ILE A 22 -17.20 5.70 -23.26
C ILE A 22 -16.58 6.87 -24.00
N SER A 23 -16.59 8.04 -23.37
CA SER A 23 -16.02 9.22 -23.99
C SER A 23 -14.71 9.58 -23.33
N VAL A 24 -13.69 9.80 -24.16
CA VAL A 24 -12.37 10.17 -23.68
C VAL A 24 -11.96 11.51 -24.27
N ASN A 25 -11.77 12.50 -23.40
CA ASN A 25 -11.37 13.84 -23.83
C ASN A 25 -9.92 14.12 -23.44
N ALA A 26 -9.01 13.98 -24.41
CA ALA A 26 -7.58 14.17 -24.17
C ALA A 26 -7.21 15.56 -23.69
N ASN A 27 -8.18 16.46 -23.65
CA ASN A 27 -7.93 17.83 -23.21
C ASN A 27 -8.46 18.17 -21.83
N ALA A 28 -9.18 17.23 -21.21
CA ALA A 28 -9.75 17.45 -19.88
C ALA A 28 -9.09 16.57 -18.82
N GLY A 29 -9.19 17.02 -17.57
CA GLY A 29 -8.62 16.27 -16.45
C GLY A 29 -7.14 15.98 -16.56
N ARG A 30 -6.44 16.76 -17.36
CA ARG A 30 -5.01 16.58 -17.55
C ARG A 30 -4.15 16.82 -16.31
N HIS A 31 -3.37 15.79 -15.96
CA HIS A 31 -2.45 15.84 -14.83
C HIS A 31 -1.57 14.61 -14.94
N PRO A 32 -0.34 14.67 -14.39
CA PRO A 32 0.57 13.53 -14.45
C PRO A 32 0.23 12.35 -13.56
N ILE A 33 0.62 11.16 -14.00
CA ILE A 33 0.40 9.96 -13.22
C ILE A 33 1.77 9.50 -12.75
N ASN A 34 2.04 9.67 -11.46
CA ASN A 34 3.32 9.25 -10.90
C ASN A 34 3.42 7.73 -11.04
N PRO A 35 4.47 7.25 -11.74
CA PRO A 35 4.61 5.80 -11.90
C PRO A 35 4.78 5.05 -10.57
N ALA A 36 4.90 5.80 -9.48
CA ALA A 36 5.06 5.20 -8.16
C ALA A 36 3.77 4.54 -7.69
N VAL A 37 2.67 4.79 -8.39
CA VAL A 37 1.40 4.19 -8.00
C VAL A 37 1.35 2.70 -8.30
N TYR A 38 2.31 2.22 -9.08
CA TYR A 38 2.35 0.80 -9.44
C TYR A 38 3.29 0.03 -8.51
N GLY A 39 3.57 0.64 -7.35
CA GLY A 39 4.47 0.03 -6.38
C GLY A 39 4.04 -1.33 -5.84
N LEU A 40 5.03 -2.08 -5.36
CA LEU A 40 4.79 -3.41 -4.82
C LEU A 40 5.67 -3.69 -3.59
N ALA A 41 5.20 -4.57 -2.73
CA ALA A 41 5.98 -4.97 -1.56
C ALA A 41 6.44 -6.41 -1.78
N TYR A 42 7.63 -6.73 -1.27
CA TYR A 42 8.21 -8.06 -1.37
C TYR A 42 8.09 -8.76 -2.73
N ALA A 43 8.83 -8.25 -3.71
CA ALA A 43 8.87 -8.81 -5.06
C ALA A 43 10.33 -9.18 -5.35
N THR A 44 10.57 -9.93 -6.41
CA THR A 44 11.94 -10.30 -6.74
C THR A 44 12.46 -9.37 -7.84
N THR A 45 13.77 -9.34 -8.03
CA THR A 45 14.36 -8.51 -9.05
C THR A 45 13.69 -8.86 -10.39
N ALA A 46 13.48 -10.15 -10.62
CA ALA A 46 12.86 -10.61 -11.84
C ALA A 46 11.43 -10.06 -11.99
N THR A 47 10.59 -10.23 -11.04
CA THR A 47 9.43 -9.55 -11.09
C THR A 47 9.29 -8.09 -11.17
N LEU A 48 10.09 -7.44 -10.44
CA LEU A 48 10.13 -5.98 -10.54
C LEU A 48 10.48 -5.56 -11.96
N ALA A 49 11.33 -6.34 -12.61
CA ALA A 49 11.76 -6.06 -13.97
C ALA A 49 10.68 -6.44 -14.99
N ASP A 50 10.06 -7.59 -14.78
CA ASP A 50 9.03 -8.06 -15.70
C ASP A 50 7.75 -7.21 -15.62
N LEU A 51 7.36 -6.83 -14.40
CA LEU A 51 6.18 -6.00 -14.23
C LEU A 51 6.50 -4.53 -14.46
N ASN A 52 7.79 -4.22 -14.53
CA ASN A 52 8.23 -2.85 -14.77
C ASN A 52 7.68 -1.90 -13.71
N VAL A 53 7.83 -2.27 -12.44
CA VAL A 53 7.38 -1.41 -11.35
C VAL A 53 8.60 -0.70 -10.79
N PRO A 54 8.47 0.62 -10.56
CA PRO A 54 9.53 1.48 -10.05
C PRO A 54 9.64 1.66 -8.54
N LEU A 55 8.72 1.07 -7.78
CA LEU A 55 8.74 1.21 -6.32
C LEU A 55 8.67 -0.14 -5.65
N HIS A 56 9.55 -0.36 -4.69
CA HIS A 56 9.59 -1.64 -3.96
C HIS A 56 9.59 -1.34 -2.46
N ARG A 57 8.61 -1.88 -1.75
CA ARG A 57 8.48 -1.63 -0.32
C ARG A 57 8.84 -2.74 0.65
N TYR A 58 9.67 -2.38 1.62
CA TYR A 58 10.06 -3.29 2.69
C TYR A 58 9.31 -2.74 3.91
N GLY A 59 8.21 -3.40 4.28
CA GLY A 59 7.42 -2.95 5.43
C GLY A 59 6.59 -4.09 5.98
N GLY A 60 5.70 -3.77 6.93
CA GLY A 60 4.87 -4.81 7.52
C GLY A 60 5.07 -4.93 9.02
N ASN A 61 4.23 -5.75 9.66
CA ASN A 61 4.28 -5.92 11.12
C ASN A 61 5.65 -6.21 11.71
N ASN A 62 6.33 -7.22 11.19
CA ASN A 62 7.64 -7.58 11.73
C ASN A 62 8.71 -6.51 11.54
N THR A 63 8.58 -5.67 10.53
CA THR A 63 9.60 -4.65 10.29
C THR A 63 9.62 -3.61 11.41
N SER A 64 8.60 -3.60 12.25
CA SER A 64 8.55 -2.65 13.36
C SER A 64 9.49 -3.09 14.49
N ARG A 65 9.83 -4.37 14.49
CA ARG A 65 10.66 -4.97 15.53
C ARG A 65 12.04 -5.40 15.04
N TYR A 66 12.45 -4.85 13.90
CA TYR A 66 13.74 -5.19 13.32
C TYR A 66 14.90 -4.45 14.00
N ASN A 67 15.88 -5.21 14.48
CA ASN A 67 17.08 -4.67 15.13
C ASN A 67 18.15 -4.74 14.03
N TRP A 68 18.55 -3.60 13.50
CA TRP A 68 19.53 -3.61 12.40
C TRP A 68 20.96 -3.99 12.78
N GLN A 69 21.34 -3.79 14.05
CA GLN A 69 22.68 -4.13 14.47
C GLN A 69 22.83 -5.64 14.65
N LEU A 70 21.72 -6.29 15.00
CA LEU A 70 21.73 -7.74 15.17
C LEU A 70 21.26 -8.45 13.90
N ASN A 71 20.54 -7.71 13.05
CA ASN A 71 19.98 -8.24 11.81
C ASN A 71 18.95 -9.31 12.21
N ALA A 72 17.94 -8.89 12.96
CA ALA A 72 16.88 -9.79 13.42
C ALA A 72 15.64 -9.00 13.82
N ASP A 73 14.51 -9.67 13.96
CA ASP A 73 13.29 -8.98 14.37
C ASP A 73 12.38 -9.91 15.17
N ASN A 74 11.25 -9.37 15.62
CA ASN A 74 10.29 -10.15 16.39
C ASN A 74 9.03 -10.21 15.54
N ARG A 75 8.48 -11.41 15.39
CA ARG A 75 7.29 -11.61 14.56
C ARG A 75 6.01 -11.04 15.14
N GLY A 76 6.03 -10.64 16.41
CA GLY A 76 4.84 -10.10 17.02
C GLY A 76 3.71 -11.12 17.08
N ALA A 77 2.47 -10.64 17.01
CA ALA A 77 1.30 -11.50 17.07
C ALA A 77 1.20 -12.50 15.92
N ASP A 78 1.91 -12.21 14.83
CA ASP A 78 1.90 -13.09 13.66
C ASP A 78 2.53 -14.46 13.92
N TRP A 79 3.52 -14.51 14.79
CA TRP A 79 4.16 -15.79 15.09
C TRP A 79 4.75 -15.89 16.49
N TYR A 80 3.86 -16.13 17.46
CA TYR A 80 4.21 -16.31 18.86
C TYR A 80 5.25 -15.35 19.42
N PHE A 81 5.19 -14.09 19.00
CA PHE A 81 6.10 -13.06 19.48
C PHE A 81 7.53 -13.58 19.66
N GLU A 82 8.05 -14.23 18.62
CA GLU A 82 9.39 -14.78 18.65
C GLU A 82 10.44 -13.85 18.03
N SER A 83 11.60 -13.75 18.68
CA SER A 83 12.69 -12.95 18.15
C SER A 83 13.59 -13.92 17.40
N ILE A 84 13.67 -13.73 16.09
CA ILE A 84 14.44 -14.60 15.23
C ILE A 84 15.48 -13.84 14.41
N GLY A 85 16.70 -14.38 14.37
CA GLY A 85 17.75 -13.74 13.61
C GLY A 85 17.86 -14.24 12.19
N GLU A 86 18.38 -13.39 11.31
CA GLU A 86 18.59 -13.78 9.92
C GLU A 86 19.86 -14.62 9.93
N ALA A 87 20.11 -15.37 8.86
CA ALA A 87 21.31 -16.19 8.80
C ALA A 87 22.53 -15.32 8.99
N SER A 88 22.58 -14.21 8.25
CA SER A 88 23.71 -13.30 8.35
C SER A 88 23.77 -12.53 9.67
N SER A 89 24.99 -12.23 10.11
CA SER A 89 25.21 -11.52 11.33
C SER A 89 25.67 -10.09 11.03
N VAL A 90 25.73 -9.75 9.76
CA VAL A 90 26.15 -8.42 9.33
C VAL A 90 25.03 -7.42 9.53
N ALA A 91 25.31 -6.40 10.34
CA ALA A 91 24.33 -5.36 10.64
C ALA A 91 23.66 -4.81 9.38
N GLY A 92 22.34 -4.85 9.38
CA GLY A 92 21.58 -4.35 8.26
C GLY A 92 21.59 -5.09 6.93
N GLU A 93 22.15 -6.29 6.85
CA GLU A 93 22.17 -6.97 5.55
C GLU A 93 20.78 -7.14 4.95
N ARG A 94 19.77 -7.34 5.79
CA ARG A 94 18.41 -7.48 5.26
C ARG A 94 18.09 -6.24 4.41
N GLY A 95 18.40 -5.07 4.94
CA GLY A 95 18.14 -3.85 4.22
C GLY A 95 18.99 -3.65 2.97
N ASP A 96 20.27 -3.98 3.06
CA ASP A 96 21.17 -3.82 1.93
C ASP A 96 20.84 -4.81 0.82
N THR A 97 20.42 -6.00 1.20
CA THR A 97 20.06 -7.03 0.24
C THR A 97 18.78 -6.60 -0.47
N PHE A 98 17.87 -6.00 0.28
CA PHE A 98 16.60 -5.53 -0.28
C PHE A 98 16.85 -4.42 -1.30
N ILE A 99 17.73 -3.50 -0.93
CA ILE A 99 18.07 -2.39 -1.80
C ILE A 99 18.78 -2.85 -3.07
N ALA A 100 19.77 -3.74 -2.91
CA ALA A 100 20.51 -4.26 -4.06
C ALA A 100 19.56 -4.91 -5.05
N ASN A 101 18.62 -5.70 -4.56
CA ASN A 101 17.66 -6.37 -5.42
C ASN A 101 16.74 -5.39 -6.13
N SER A 102 16.42 -4.28 -5.47
CA SER A 102 15.56 -3.27 -6.04
C SER A 102 16.23 -2.53 -7.19
N GLN A 103 17.41 -1.96 -6.95
CA GLN A 103 18.05 -1.25 -8.04
C GLN A 103 18.56 -2.17 -9.13
N ALA A 104 18.66 -3.46 -8.84
CA ALA A 104 19.09 -4.41 -9.85
C ALA A 104 17.97 -4.46 -10.89
N ALA A 105 16.78 -4.01 -10.51
CA ALA A 105 15.63 -3.97 -11.42
C ALA A 105 15.27 -2.54 -11.74
N GLY A 106 16.13 -1.60 -11.34
CA GLY A 106 15.88 -0.20 -11.60
C GLY A 106 14.72 0.39 -10.79
N ALA A 107 14.45 -0.19 -9.61
CA ALA A 107 13.36 0.27 -8.77
C ALA A 107 13.82 0.97 -7.50
N GLN A 108 13.09 2.00 -7.09
CA GLN A 108 13.40 2.71 -5.86
C GLN A 108 12.93 1.85 -4.69
N ALA A 109 13.74 1.76 -3.65
CA ALA A 109 13.37 0.96 -2.49
C ALA A 109 12.82 1.82 -1.36
N MET A 110 12.08 1.20 -0.47
CA MET A 110 11.51 1.87 0.69
C MET A 110 11.88 1.01 1.89
N ILE A 111 12.57 1.58 2.86
CA ILE A 111 12.97 0.85 4.04
C ILE A 111 12.21 1.33 5.26
N THR A 112 11.58 0.40 5.97
CA THR A 112 10.86 0.76 7.18
C THR A 112 11.85 0.83 8.33
N ILE A 113 11.85 1.95 9.04
CA ILE A 113 12.73 2.13 10.18
C ILE A 113 11.89 2.10 11.45
N PRO A 114 12.18 1.15 12.35
CA PRO A 114 11.43 1.03 13.60
C PRO A 114 11.36 2.33 14.40
N THR A 115 10.19 2.58 14.97
CA THR A 115 9.96 3.77 15.76
C THR A 115 9.40 3.33 17.11
N ILE A 116 8.87 2.10 17.14
CA ILE A 116 8.27 1.55 18.35
C ILE A 116 9.23 1.45 19.54
N GLY A 117 10.53 1.43 19.27
CA GLY A 117 11.49 1.37 20.36
C GLY A 117 11.94 -0.02 20.79
N TRP A 118 10.99 -0.91 21.02
CA TRP A 118 11.36 -2.27 21.45
C TRP A 118 11.62 -3.18 20.25
N VAL A 119 12.89 -3.36 19.93
CA VAL A 119 13.28 -4.23 18.82
C VAL A 119 13.84 -5.52 19.37
N ALA A 120 13.94 -6.51 18.51
CA ALA A 120 14.42 -7.82 18.91
C ALA A 120 15.88 -7.91 19.37
N ARG A 121 16.14 -8.88 20.24
CA ARG A 121 17.48 -9.16 20.72
C ARG A 121 17.52 -10.69 20.71
N LEU A 122 18.70 -11.28 20.68
CA LEU A 122 18.79 -12.74 20.61
C LEU A 122 19.50 -13.39 21.80
N GLY A 123 19.37 -14.70 21.88
CA GLY A 123 20.01 -15.44 22.95
C GLY A 123 21.39 -15.91 22.50
N ALA A 124 22.04 -16.73 23.34
CA ALA A 124 23.36 -17.26 23.03
C ALA A 124 23.43 -17.79 21.60
N ASN A 125 24.50 -17.43 20.90
CA ASN A 125 24.69 -17.86 19.53
C ASN A 125 23.48 -17.58 18.65
N ARG A 126 23.01 -16.33 18.70
CA ARG A 126 21.89 -15.88 17.90
C ARG A 126 20.71 -16.84 17.95
N SER A 127 20.44 -17.38 19.14
CA SER A 127 19.34 -18.30 19.33
C SER A 127 18.05 -17.51 19.56
N LYS A 128 16.92 -18.12 19.19
CA LYS A 128 15.62 -17.49 19.32
C LYS A 128 15.18 -17.24 20.76
N LEU A 129 14.33 -16.22 20.92
CA LEU A 129 13.77 -15.86 22.21
C LEU A 129 12.27 -15.67 22.01
N ALA A 130 11.49 -15.80 23.08
CA ALA A 130 10.05 -15.63 23.00
C ALA A 130 9.58 -14.69 24.10
N SER A 131 8.62 -13.82 23.78
CA SER A 131 8.10 -12.87 24.75
C SER A 131 7.20 -13.51 25.79
N PHE A 132 6.49 -14.56 25.39
CA PHE A 132 5.58 -15.22 26.32
C PHE A 132 5.96 -16.66 26.63
N SER A 133 7.11 -16.83 27.27
CA SER A 133 7.59 -18.15 27.65
C SER A 133 6.54 -18.85 28.52
N ILE A 134 6.13 -20.04 28.10
CA ILE A 134 5.14 -20.80 28.84
C ILE A 134 5.69 -21.18 30.21
N ALA A 135 6.97 -21.53 30.25
CA ALA A 135 7.61 -21.89 31.52
C ALA A 135 7.60 -20.69 32.47
N LYS A 136 7.70 -19.48 31.93
CA LYS A 136 7.73 -18.29 32.76
C LYS A 136 6.37 -17.67 33.07
N TYR A 137 5.37 -17.91 32.21
CA TYR A 137 4.07 -17.33 32.44
C TYR A 137 2.92 -18.33 32.58
N GLY A 138 3.22 -19.60 32.39
CA GLY A 138 2.18 -20.61 32.52
C GLY A 138 1.58 -21.11 31.21
N ALA A 139 0.67 -22.08 31.34
CA ALA A 139 0.00 -22.67 30.20
C ALA A 139 -0.77 -21.63 29.42
N GLN A 140 -0.74 -21.74 28.10
CA GLN A 140 -1.42 -20.80 27.22
C GLN A 140 -2.22 -21.56 26.16
N SER A 141 -3.17 -20.87 25.53
CA SER A 141 -4.03 -21.47 24.51
C SER A 141 -3.34 -21.79 23.19
N GLY A 142 -2.08 -21.40 23.06
CA GLY A 142 -1.38 -21.68 21.82
C GLY A 142 0.11 -21.62 22.03
N ASN A 143 0.85 -22.23 21.11
CA ASN A 143 2.30 -22.23 21.21
C ASN A 143 2.87 -22.72 19.90
N ASP A 144 4.15 -22.44 19.68
CA ASP A 144 4.84 -22.87 18.48
C ASP A 144 5.34 -24.29 18.73
N TRP A 145 4.39 -25.21 18.81
CA TRP A 145 4.68 -26.61 19.08
C TRP A 145 5.68 -27.27 18.14
N GLN A 146 5.73 -26.82 16.89
CA GLN A 146 6.63 -27.44 15.92
C GLN A 146 8.06 -26.91 15.84
N TRP A 147 8.27 -25.63 16.14
CA TRP A 147 9.62 -25.07 16.06
C TRP A 147 10.13 -24.35 17.30
N PHE A 148 9.24 -24.09 18.26
CA PHE A 148 9.61 -23.38 19.50
C PHE A 148 8.47 -23.59 20.50
N PRO A 149 8.31 -24.82 21.00
CA PRO A 149 7.28 -25.21 21.97
C PRO A 149 7.10 -24.36 23.23
N ASP A 150 8.16 -23.69 23.68
CA ASP A 150 8.04 -22.85 24.87
C ASP A 150 7.44 -21.48 24.55
N ALA A 151 7.45 -21.11 23.27
CA ALA A 151 6.90 -19.83 22.83
C ALA A 151 5.37 -19.86 22.79
N GLY A 152 4.75 -19.26 23.79
CA GLY A 152 3.30 -19.23 23.86
C GLY A 152 2.73 -18.08 23.09
N ASN A 153 1.42 -18.09 22.88
CA ASN A 153 0.77 -17.02 22.13
C ASN A 153 0.39 -15.82 22.99
N GLY A 154 0.70 -15.89 24.28
CA GLY A 154 0.39 -14.79 25.18
C GLY A 154 -1.03 -14.79 25.69
N VAL A 155 -1.73 -15.90 25.49
CA VAL A 155 -3.11 -15.99 25.96
C VAL A 155 -3.23 -17.18 26.92
N LEU A 156 -3.82 -16.93 28.08
CA LEU A 156 -4.00 -17.99 29.07
C LEU A 156 -5.04 -18.98 28.56
N THR A 157 -5.08 -20.15 29.18
CA THR A 157 -6.03 -21.18 28.77
C THR A 157 -7.46 -20.68 28.98
N SER A 158 -7.61 -19.71 29.88
CA SER A 158 -8.92 -19.13 30.18
C SER A 158 -9.40 -18.23 29.06
N GLY A 159 -8.47 -17.79 28.20
CA GLY A 159 -8.83 -16.91 27.12
C GLY A 159 -8.39 -15.49 27.43
N GLN A 160 -7.91 -15.29 28.64
CA GLN A 160 -7.45 -13.97 29.10
C GLN A 160 -5.99 -13.80 28.69
N ASN A 161 -5.63 -12.57 28.29
CA ASN A 161 -4.25 -12.29 27.89
C ASN A 161 -3.31 -12.36 29.09
N VAL A 162 -2.05 -12.67 28.82
CA VAL A 162 -1.01 -12.71 29.84
C VAL A 162 -0.69 -11.22 29.96
N THR A 163 -0.38 -10.71 31.15
CA THR A 163 -0.11 -9.28 31.22
C THR A 163 1.25 -8.75 31.68
N GLY A 164 1.57 -8.90 32.96
CA GLY A 164 2.84 -8.35 33.44
C GLY A 164 4.13 -8.88 32.85
N ASN A 165 4.10 -9.36 31.60
CA ASN A 165 5.30 -9.90 30.96
C ASN A 165 6.43 -8.87 30.84
N ASN A 166 7.67 -9.35 30.96
CA ASN A 166 8.84 -8.49 30.87
C ASN A 166 9.28 -8.31 29.42
N PRO A 167 9.17 -7.07 28.90
CA PRO A 167 9.56 -6.79 27.51
C PRO A 167 11.00 -7.14 27.19
N ASN A 168 11.84 -7.20 28.22
CA ASN A 168 13.25 -7.53 28.02
C ASN A 168 13.48 -9.01 27.75
N ASP A 169 12.42 -9.81 27.89
CA ASP A 169 12.55 -11.25 27.65
C ASP A 169 13.14 -11.56 26.28
N ALA A 170 12.61 -10.92 25.26
CA ALA A 170 13.08 -11.16 23.90
C ALA A 170 13.35 -9.86 23.14
N ASN A 171 13.49 -8.75 23.87
CA ASN A 171 13.72 -7.47 23.21
C ASN A 171 14.64 -6.55 24.00
N THR A 172 14.98 -5.42 23.37
CA THR A 172 15.84 -4.41 23.98
C THR A 172 15.27 -3.03 23.59
N LEU A 173 15.28 -2.09 24.53
CA LEU A 173 14.75 -0.76 24.26
C LEU A 173 15.78 0.08 23.52
N VAL A 174 15.38 0.56 22.35
CA VAL A 174 16.25 1.36 21.51
C VAL A 174 15.62 2.72 21.26
N ASP A 175 16.39 3.68 20.75
CA ASP A 175 15.85 5.01 20.46
C ASP A 175 16.21 5.54 19.07
N SER A 176 15.79 6.77 18.79
CA SER A 176 16.05 7.40 17.48
C SER A 176 17.53 7.46 17.12
N THR A 177 18.39 7.70 18.12
CA THR A 177 19.83 7.77 17.85
C THR A 177 20.32 6.39 17.36
N PHE A 178 19.69 5.33 17.88
CA PHE A 178 20.03 3.98 17.49
C PHE A 178 19.67 3.77 16.01
N GLN A 179 18.50 4.25 15.61
CA GLN A 179 18.06 4.08 14.22
C GLN A 179 18.82 5.01 13.30
N GLN A 180 19.21 6.17 13.81
CA GLN A 180 19.96 7.10 12.98
C GLN A 180 21.23 6.39 12.50
N GLY A 181 21.78 5.53 13.36
CA GLY A 181 22.98 4.78 13.01
C GLY A 181 22.75 3.92 11.79
N TRP A 182 21.53 3.42 11.61
CA TRP A 182 21.22 2.59 10.46
C TRP A 182 21.21 3.49 9.21
N ALA A 183 20.63 4.67 9.34
CA ALA A 183 20.59 5.62 8.22
C ALA A 183 22.02 5.97 7.80
N GLN A 184 22.91 6.12 8.78
CA GLN A 184 24.29 6.44 8.48
C GLN A 184 24.93 5.28 7.71
N HIS A 185 24.63 4.06 8.16
CA HIS A 185 25.14 2.87 7.50
C HIS A 185 24.65 2.85 6.06
N LEU A 186 23.35 3.12 5.89
CA LEU A 186 22.73 3.13 4.57
C LEU A 186 23.37 4.14 3.62
N VAL A 187 23.48 5.37 4.08
CA VAL A 187 24.07 6.43 3.26
C VAL A 187 25.52 6.13 2.92
N SER A 188 26.26 5.56 3.86
CA SER A 188 27.65 5.23 3.61
C SER A 188 27.81 4.13 2.56
N GLN A 189 26.88 3.18 2.55
CA GLN A 189 26.98 2.08 1.58
C GLN A 189 26.33 2.37 0.23
N TRP A 190 25.26 3.15 0.26
CA TRP A 190 24.52 3.47 -0.96
C TRP A 190 24.62 4.90 -1.43
N GLY A 191 25.09 5.80 -0.56
CA GLY A 191 25.17 7.21 -0.91
C GLY A 191 23.89 7.90 -0.44
N THR A 192 23.78 9.20 -0.70
CA THR A 192 22.56 9.90 -0.30
C THR A 192 21.48 9.62 -1.34
N ALA A 193 20.27 10.09 -1.08
CA ALA A 193 19.17 9.89 -2.02
C ALA A 193 19.47 10.65 -3.31
N ALA A 194 20.01 11.86 -3.16
CA ALA A 194 20.34 12.68 -4.31
C ALA A 194 21.41 12.01 -5.18
N GLY A 195 22.20 11.14 -4.55
CA GLY A 195 23.25 10.43 -5.27
C GLY A 195 22.82 9.07 -5.78
N GLY A 196 21.54 8.75 -5.64
CA GLY A 196 21.05 7.46 -6.11
C GLY A 196 20.94 6.36 -5.07
N GLY A 197 21.01 6.73 -3.79
CA GLY A 197 20.89 5.74 -2.73
C GLY A 197 19.44 5.57 -2.29
N LEU A 198 19.23 5.10 -1.07
CA LEU A 198 17.87 4.89 -0.55
C LEU A 198 17.12 6.22 -0.57
N ARG A 199 15.98 6.25 -1.26
CA ARG A 199 15.18 7.45 -1.39
C ARG A 199 14.03 7.56 -0.39
N TYR A 200 13.49 6.41 -0.01
CA TYR A 200 12.37 6.38 0.91
C TYR A 200 12.62 5.69 2.26
N TYR A 201 12.38 6.45 3.33
CA TYR A 201 12.50 5.96 4.69
C TYR A 201 11.06 5.95 5.21
N ILE A 202 10.56 4.79 5.62
CA ILE A 202 9.20 4.66 6.16
C ILE A 202 9.25 4.61 7.68
N LEU A 203 8.40 5.38 8.35
CA LEU A 203 8.40 5.37 9.80
C LEU A 203 7.42 4.35 10.36
N ASP A 204 8.00 3.24 10.80
CA ASP A 204 7.28 2.12 11.38
C ASP A 204 6.13 1.58 10.54
N ASN A 205 5.17 0.96 11.22
CA ASN A 205 4.04 0.35 10.54
C ASN A 205 2.82 0.30 11.46
N GLU A 206 1.70 0.82 10.98
CA GLU A 206 0.42 0.83 11.70
C GLU A 206 0.58 1.00 13.21
N PRO A 207 1.19 2.11 13.65
CA PRO A 207 1.42 2.37 15.08
C PRO A 207 0.19 2.33 15.99
N SER A 208 -0.93 2.88 15.54
CA SER A 208 -2.12 2.91 16.38
C SER A 208 -2.50 1.54 16.93
N ILE A 209 -2.27 0.48 16.15
CA ILE A 209 -2.61 -0.85 16.65
C ILE A 209 -1.43 -1.67 17.15
N TRP A 210 -0.43 -0.97 17.70
CA TRP A 210 0.74 -1.62 18.29
C TRP A 210 0.26 -2.47 19.47
N PHE A 211 -0.80 -2.01 20.14
CA PHE A 211 -1.33 -2.71 21.30
C PHE A 211 -1.91 -4.09 20.95
N SER A 212 -2.00 -4.41 19.67
CA SER A 212 -2.51 -5.69 19.25
C SER A 212 -1.40 -6.52 18.60
N THR A 213 -0.87 -6.00 17.50
CA THR A 213 0.20 -6.67 16.75
C THR A 213 1.49 -6.80 17.58
N HIS A 214 1.79 -5.79 18.39
CA HIS A 214 2.99 -5.81 19.23
C HIS A 214 2.63 -5.70 20.70
N ARG A 215 1.60 -6.45 21.08
CA ARG A 215 1.06 -6.51 22.43
C ARG A 215 2.12 -6.82 23.49
N ASP A 216 2.99 -7.78 23.17
CA ASP A 216 4.03 -8.20 24.09
C ASP A 216 4.90 -7.05 24.57
N VAL A 217 5.15 -6.11 23.66
CA VAL A 217 6.03 -5.02 23.98
C VAL A 217 5.38 -3.62 24.03
N HIS A 218 4.08 -3.54 23.74
CA HIS A 218 3.38 -2.26 23.77
C HIS A 218 1.89 -2.49 24.05
N PRO A 219 1.58 -3.11 25.21
CA PRO A 219 0.19 -3.40 25.60
C PRO A 219 -0.81 -2.25 25.55
N VAL A 220 -0.36 -1.02 25.77
CA VAL A 220 -1.27 0.12 25.74
C VAL A 220 -1.16 0.91 24.44
N GLY A 221 -2.30 1.18 23.81
CA GLY A 221 -2.33 1.92 22.57
C GLY A 221 -1.64 3.28 22.64
N PRO A 222 -0.90 3.65 21.61
CA PRO A 222 -0.19 4.94 21.60
C PRO A 222 -1.12 6.13 21.36
N THR A 223 -0.85 7.23 22.07
CA THR A 223 -1.65 8.45 21.93
C THR A 223 -1.16 9.19 20.69
N MET A 224 -1.94 10.15 20.18
CA MET A 224 -1.52 10.89 19.00
C MET A 224 -0.27 11.72 19.35
N ASP A 225 -0.10 12.04 20.64
CA ASP A 225 1.07 12.79 21.09
C ASP A 225 2.34 11.99 20.85
N GLU A 226 2.32 10.71 21.23
CA GLU A 226 3.50 9.88 21.08
C GLU A 226 3.84 9.55 19.63
N ILE A 227 2.84 9.53 18.75
CA ILE A 227 3.11 9.27 17.32
C ILE A 227 3.68 10.56 16.69
N ARG A 228 3.20 11.71 17.19
CA ARG A 228 3.70 12.99 16.69
C ARG A 228 5.16 13.17 17.07
N ASP A 229 5.45 12.92 18.35
CA ASP A 229 6.80 13.06 18.88
C ASP A 229 7.80 12.14 18.20
N LYS A 230 7.35 10.93 17.89
CA LYS A 230 8.21 9.95 17.24
C LYS A 230 8.55 10.34 15.82
N MET A 231 7.59 10.92 15.10
CA MET A 231 7.82 11.35 13.73
C MET A 231 8.76 12.57 13.72
N LEU A 232 8.54 13.51 14.63
CA LEU A 232 9.39 14.69 14.75
C LEU A 232 10.80 14.26 15.10
N ASP A 233 10.89 13.40 16.11
CA ASP A 233 12.17 12.88 16.59
C ASP A 233 12.91 12.03 15.57
N TYR A 234 12.30 10.92 15.15
CA TYR A 234 12.96 10.05 14.18
C TYR A 234 13.15 10.72 12.82
N GLY A 235 12.20 11.58 12.44
CA GLY A 235 12.30 12.27 11.17
C GLY A 235 13.49 13.23 11.12
N ALA A 236 13.75 13.91 12.23
CA ALA A 236 14.87 14.84 12.30
C ALA A 236 16.20 14.09 12.20
N LYS A 237 16.29 12.99 12.95
CA LYS A 237 17.52 12.18 12.96
C LYS A 237 17.89 11.72 11.55
N ILE A 238 16.89 11.27 10.80
CA ILE A 238 17.12 10.78 9.45
C ILE A 238 17.46 11.91 8.47
N LYS A 239 16.71 13.00 8.54
CA LYS A 239 16.96 14.14 7.65
C LYS A 239 18.36 14.70 7.89
N THR A 240 18.79 14.72 9.15
CA THR A 240 20.11 15.21 9.50
C THR A 240 21.21 14.41 8.79
N VAL A 241 21.01 13.10 8.72
CA VAL A 241 21.95 12.23 8.07
C VAL A 241 21.82 12.39 6.57
N ASP A 242 20.58 12.44 6.08
CA ASP A 242 20.35 12.61 4.65
C ASP A 242 19.20 13.56 4.36
N PRO A 243 19.51 14.85 4.16
CA PRO A 243 18.48 15.85 3.87
C PRO A 243 17.81 15.68 2.51
N SER A 244 18.40 14.86 1.63
CA SER A 244 17.82 14.64 0.31
C SER A 244 16.80 13.49 0.31
N ALA A 245 16.81 12.68 1.37
CA ALA A 245 15.89 11.55 1.48
C ALA A 245 14.45 11.96 1.82
N LEU A 246 13.51 11.06 1.52
CA LEU A 246 12.09 11.31 1.77
C LEU A 246 11.55 10.41 2.85
N ILE A 247 10.82 11.01 3.80
CA ILE A 247 10.23 10.25 4.89
C ILE A 247 8.74 9.98 4.65
N VAL A 248 8.34 8.75 4.91
CA VAL A 248 6.97 8.30 4.71
C VAL A 248 6.33 7.81 6.01
N GLY A 249 5.08 8.21 6.22
CA GLY A 249 4.35 7.82 7.41
C GLY A 249 2.97 8.45 7.42
N PRO A 250 2.12 8.11 8.41
CA PRO A 250 2.38 7.19 9.51
C PRO A 250 2.04 5.70 9.28
N GLU A 251 1.76 5.31 8.04
CA GLU A 251 1.46 3.91 7.75
C GLU A 251 0.27 3.34 8.54
N GLU A 252 -0.74 4.16 8.82
CA GLU A 252 -1.89 3.67 9.58
C GLU A 252 -2.65 2.52 8.92
N TRP A 253 -3.21 1.65 9.77
CA TRP A 253 -3.87 0.41 9.33
C TRP A 253 -5.15 0.47 8.50
N GLY A 254 -6.09 1.31 8.88
CA GLY A 254 -7.33 1.39 8.16
C GLY A 254 -8.25 2.42 8.76
N TRP A 255 -9.48 2.43 8.26
CA TRP A 255 -10.50 3.38 8.67
C TRP A 255 -10.39 3.93 10.10
N SER A 256 -10.64 3.11 11.13
CA SER A 256 -10.53 3.59 12.52
C SER A 256 -9.23 4.36 12.81
N GLY A 257 -8.13 3.90 12.25
CA GLY A 257 -6.86 4.58 12.46
C GLY A 257 -6.66 5.90 11.71
N TYR A 258 -7.72 6.40 11.08
CA TYR A 258 -7.62 7.67 10.37
C TYR A 258 -8.12 8.82 11.25
N THR A 259 -9.03 8.51 12.17
CA THR A 259 -9.59 9.54 13.06
C THR A 259 -9.38 9.30 14.56
N LEU A 260 -8.96 8.10 14.93
CA LEU A 260 -8.73 7.77 16.34
C LEU A 260 -7.34 7.20 16.59
N SER A 261 -6.68 7.70 17.63
CA SER A 261 -5.35 7.22 17.96
C SER A 261 -5.46 5.81 18.54
N GLY A 262 -4.33 5.10 18.57
CA GLY A 262 -4.30 3.76 19.11
C GLY A 262 -4.87 3.71 20.51
N TYR A 263 -4.53 4.70 21.33
CA TYR A 263 -5.02 4.75 22.68
C TYR A 263 -6.55 4.75 22.70
N ASP A 264 -7.17 5.56 21.86
CA ASP A 264 -8.63 5.63 21.82
C ASP A 264 -9.27 4.40 21.18
N GLN A 265 -8.60 3.82 20.18
CA GLN A 265 -9.13 2.62 19.53
C GLN A 265 -9.20 1.50 20.55
N GLN A 266 -8.14 1.39 21.35
CA GLN A 266 -8.08 0.37 22.38
C GLN A 266 -9.09 0.70 23.47
N TYR A 267 -9.06 1.94 23.95
CA TYR A 267 -9.99 2.33 24.99
C TYR A 267 -11.43 2.04 24.55
N GLY A 268 -11.75 2.39 23.31
CA GLY A 268 -13.08 2.13 22.81
C GLY A 268 -13.44 0.66 22.85
N GLY A 269 -12.49 -0.19 22.45
CA GLY A 269 -12.74 -1.61 22.46
C GLY A 269 -13.01 -2.16 23.85
N LEU A 270 -12.45 -1.50 24.86
CA LEU A 270 -12.61 -1.95 26.23
C LEU A 270 -13.77 -1.32 27.03
N HIS A 271 -14.24 -0.14 26.63
CA HIS A 271 -15.34 0.51 27.38
C HIS A 271 -16.41 1.16 26.53
N GLY A 272 -16.60 0.70 25.30
CA GLY A 272 -17.61 1.34 24.47
C GLY A 272 -17.05 2.60 23.83
N TRP A 273 -17.86 3.29 23.03
CA TRP A 273 -17.39 4.47 22.35
C TRP A 273 -18.06 5.78 22.76
N SER A 274 -18.52 5.86 23.99
CA SER A 274 -19.17 7.08 24.45
C SER A 274 -18.19 8.17 24.83
N PHE A 275 -16.95 7.79 25.11
CA PHE A 275 -15.93 8.77 25.51
C PHE A 275 -14.51 8.41 25.07
N MET A 276 -13.96 9.19 24.14
CA MET A 276 -12.60 9.00 23.63
C MET A 276 -11.66 9.95 24.35
N PRO A 277 -11.00 9.47 25.42
CA PRO A 277 -10.08 10.29 26.21
C PRO A 277 -9.01 11.09 25.46
N ASP A 278 -8.25 10.42 24.59
CA ASP A 278 -7.20 11.10 23.84
C ASP A 278 -7.78 12.17 22.91
N ARG A 279 -8.94 11.88 22.31
CA ARG A 279 -9.61 12.82 21.43
C ARG A 279 -10.12 13.99 22.26
N ASN A 280 -10.71 13.69 23.42
CA ASN A 280 -11.25 14.71 24.29
C ASN A 280 -10.16 15.68 24.76
N ASN A 281 -8.93 15.19 24.90
CA ASN A 281 -7.86 16.07 25.34
C ASN A 281 -7.28 16.87 24.20
N HIS A 282 -7.79 16.65 23.00
CA HIS A 282 -7.31 17.40 21.84
C HIS A 282 -8.43 18.05 21.05
N GLY A 283 -9.26 18.80 21.75
CA GLY A 283 -10.38 19.54 21.16
C GLY A 283 -11.26 18.82 20.15
N GLY A 284 -11.43 17.52 20.33
CA GLY A 284 -12.27 16.76 19.41
C GLY A 284 -11.65 16.57 18.04
N TRP A 285 -10.35 16.83 17.92
CA TRP A 285 -9.66 16.67 16.63
C TRP A 285 -9.64 15.20 16.20
N ASP A 286 -9.56 14.99 14.88
CA ASP A 286 -9.43 13.65 14.34
C ASP A 286 -7.93 13.37 14.34
N TYR A 287 -7.58 12.10 14.53
CA TYR A 287 -6.18 11.67 14.60
C TYR A 287 -5.21 12.13 13.52
N LEU A 288 -5.36 11.62 12.30
CA LEU A 288 -4.44 12.00 11.23
C LEU A 288 -4.47 13.48 10.88
N PRO A 289 -5.66 14.10 10.80
CA PRO A 289 -5.67 15.53 10.47
C PRO A 289 -4.83 16.30 11.50
N TRP A 290 -5.00 15.93 12.77
CA TRP A 290 -4.28 16.56 13.88
C TRP A 290 -2.78 16.33 13.75
N LEU A 291 -2.40 15.10 13.43
CA LEU A 291 -1.01 14.73 13.28
C LEU A 291 -0.38 15.55 12.14
N LEU A 292 -1.10 15.65 11.03
CA LEU A 292 -0.60 16.43 9.89
C LEU A 292 -0.44 17.90 10.27
N ASP A 293 -1.49 18.46 10.88
CA ASP A 293 -1.47 19.85 11.30
C ASP A 293 -0.30 20.09 12.25
N GLN A 294 -0.09 19.14 13.15
CA GLN A 294 0.97 19.23 14.12
C GLN A 294 2.36 19.25 13.43
N LEU A 295 2.49 18.50 12.34
CA LEU A 295 3.76 18.45 11.62
C LEU A 295 3.94 19.73 10.83
N ARG A 296 2.84 20.22 10.28
CA ARG A 296 2.85 21.45 9.53
C ARG A 296 3.34 22.60 10.42
N GLN A 297 2.80 22.71 11.63
CA GLN A 297 3.20 23.77 12.54
C GLN A 297 4.69 23.70 12.83
N ASN A 298 5.19 22.49 13.07
CA ASN A 298 6.60 22.30 13.34
C ASN A 298 7.45 22.71 12.14
N ASN A 299 6.96 22.43 10.94
CA ASN A 299 7.68 22.78 9.72
C ASN A 299 7.73 24.31 9.61
N LEU A 300 6.68 24.96 10.10
CA LEU A 300 6.58 26.42 10.07
C LEU A 300 7.50 27.08 11.09
N SER A 301 7.68 26.42 12.22
CA SER A 301 8.52 26.95 13.29
C SER A 301 10.01 26.78 13.05
N THR A 302 10.40 25.66 12.43
CA THR A 302 11.82 25.38 12.15
C THR A 302 12.19 25.62 10.70
N GLY A 303 11.18 25.67 9.83
CA GLY A 303 11.44 25.88 8.42
C GLY A 303 11.95 24.62 7.75
N ARG A 304 11.88 23.47 8.44
CA ARG A 304 12.34 22.22 7.86
C ARG A 304 11.26 21.14 7.80
N ARG A 305 11.05 20.60 6.60
CA ARG A 305 10.07 19.54 6.39
C ARG A 305 10.66 18.19 6.80
N LEU A 306 9.94 17.48 7.67
CA LEU A 306 10.36 16.18 8.16
C LEU A 306 9.55 15.06 7.48
N LEU A 307 8.28 15.30 7.23
CA LEU A 307 7.43 14.33 6.56
C LEU A 307 7.26 14.71 5.10
N ASP A 308 7.50 13.78 4.19
CA ASP A 308 7.38 14.06 2.77
C ASP A 308 6.16 13.38 2.15
N VAL A 309 5.87 12.17 2.62
CA VAL A 309 4.74 11.42 2.10
C VAL A 309 3.79 10.95 3.16
N PHE A 310 2.54 11.39 3.06
CA PHE A 310 1.50 11.00 4.01
C PHE A 310 0.96 9.65 3.53
N SER A 311 1.17 8.60 4.33
CA SER A 311 0.74 7.26 3.94
C SER A 311 -0.19 6.52 4.91
N VAL A 312 -1.11 5.77 4.32
CA VAL A 312 -2.07 4.97 5.07
C VAL A 312 -2.22 3.65 4.32
N HIS A 313 -2.75 2.64 4.99
CA HIS A 313 -2.98 1.34 4.36
C HIS A 313 -4.49 1.22 4.27
N TYR A 314 -4.99 0.45 3.31
CA TYR A 314 -6.43 0.27 3.18
C TYR A 314 -6.78 -1.05 2.53
N TYR A 315 -7.60 -1.83 3.23
CA TYR A 315 -8.07 -3.12 2.75
C TYR A 315 -9.57 -3.08 2.84
N PRO A 316 -10.27 -3.56 1.80
CA PRO A 316 -11.74 -3.54 1.88
C PRO A 316 -12.18 -4.38 3.07
N GLN A 317 -13.31 -4.02 3.67
CA GLN A 317 -13.82 -4.72 4.85
C GLN A 317 -14.99 -5.69 4.64
N GLY A 318 -15.51 -5.75 3.41
CA GLY A 318 -16.65 -6.61 3.13
C GLY A 318 -16.33 -8.09 2.94
N GLY A 319 -15.09 -8.46 3.18
CA GLY A 319 -14.70 -9.86 3.03
C GLY A 319 -14.06 -10.19 1.69
N GLU A 320 -13.82 -9.18 0.85
CA GLU A 320 -13.20 -9.49 -0.44
C GLU A 320 -11.71 -9.79 -0.32
N PHE A 321 -11.07 -9.35 0.76
CA PHE A 321 -9.64 -9.64 0.93
C PHE A 321 -9.52 -11.12 1.27
N GLY A 322 -9.27 -11.94 0.26
CA GLY A 322 -9.15 -13.37 0.47
C GLY A 322 -9.37 -14.09 -0.84
N ASN A 323 -9.86 -15.32 -0.77
CA ASN A 323 -10.08 -16.11 -1.98
C ASN A 323 -11.52 -16.50 -2.26
N ASP A 324 -12.45 -15.80 -1.64
CA ASP A 324 -13.87 -16.06 -1.86
C ASP A 324 -14.21 -15.57 -3.27
N THR A 325 -14.50 -16.50 -4.18
CA THR A 325 -14.82 -16.13 -5.55
C THR A 325 -16.25 -16.47 -5.95
N SER A 326 -17.19 -16.32 -5.01
CA SER A 326 -18.58 -16.57 -5.31
C SER A 326 -19.07 -15.40 -6.13
N SER A 327 -20.21 -15.56 -6.80
CA SER A 327 -20.75 -14.49 -7.61
C SER A 327 -20.96 -13.22 -6.78
N ALA A 328 -21.61 -13.37 -5.64
CA ALA A 328 -21.87 -12.23 -4.78
C ALA A 328 -20.59 -11.47 -4.45
N MET A 329 -19.55 -12.19 -4.04
CA MET A 329 -18.29 -11.53 -3.71
C MET A 329 -17.65 -10.85 -4.91
N GLN A 330 -17.72 -11.49 -6.08
CA GLN A 330 -17.15 -10.89 -7.29
C GLN A 330 -17.86 -9.54 -7.56
N LEU A 331 -19.18 -9.54 -7.39
CA LEU A 331 -19.97 -8.34 -7.60
C LEU A 331 -19.56 -7.25 -6.60
N ARG A 332 -19.30 -7.65 -5.37
CA ARG A 332 -18.90 -6.71 -4.34
C ARG A 332 -17.56 -6.09 -4.74
N ARG A 333 -16.64 -6.93 -5.23
CA ARG A 333 -15.33 -6.44 -5.65
C ARG A 333 -15.49 -5.43 -6.79
N ASN A 334 -16.52 -5.64 -7.61
CA ASN A 334 -16.76 -4.73 -8.72
C ASN A 334 -17.18 -3.35 -8.18
N ARG A 335 -17.86 -3.34 -7.04
CA ARG A 335 -18.36 -2.11 -6.42
C ARG A 335 -17.48 -1.47 -5.34
N SER A 336 -17.15 -2.25 -4.32
CA SER A 336 -16.38 -1.77 -3.17
C SER A 336 -15.16 -0.92 -3.54
N THR A 337 -14.75 -1.03 -4.79
CA THR A 337 -13.61 -0.27 -5.29
C THR A 337 -13.92 1.24 -5.30
N ARG A 338 -15.20 1.59 -5.21
CA ARG A 338 -15.65 2.99 -5.17
C ARG A 338 -15.11 3.72 -3.93
N SER A 339 -14.93 2.98 -2.83
CA SER A 339 -14.42 3.57 -1.60
C SER A 339 -13.10 4.34 -1.77
N LEU A 340 -12.43 4.10 -2.89
CA LEU A 340 -11.16 4.76 -3.19
C LEU A 340 -11.32 6.13 -3.84
N TRP A 341 -12.51 6.42 -4.38
CA TRP A 341 -12.73 7.69 -5.06
C TRP A 341 -14.14 8.32 -5.02
N ASP A 342 -15.16 7.48 -4.97
CA ASP A 342 -16.55 7.95 -5.00
C ASP A 342 -17.09 8.58 -3.72
N PRO A 343 -17.38 9.90 -3.79
CA PRO A 343 -17.90 10.70 -2.68
C PRO A 343 -19.33 10.42 -2.23
N ASN A 344 -20.08 9.65 -3.01
CA ASN A 344 -21.47 9.35 -2.65
C ASN A 344 -21.66 7.87 -2.33
N TYR A 345 -20.57 7.13 -2.29
CA TYR A 345 -20.62 5.70 -2.01
C TYR A 345 -20.40 5.38 -0.54
N ILE A 346 -21.43 4.84 0.11
CA ILE A 346 -21.35 4.46 1.51
C ILE A 346 -20.81 3.04 1.54
N ASP A 347 -19.67 2.83 2.19
CA ASP A 347 -19.09 1.50 2.23
C ASP A 347 -20.10 0.51 2.82
N GLU A 348 -20.31 -0.60 2.11
CA GLU A 348 -21.26 -1.61 2.55
C GLU A 348 -20.66 -2.52 3.61
N THR A 349 -20.16 -1.91 4.68
CA THR A 349 -19.53 -2.64 5.77
C THR A 349 -19.69 -1.87 7.07
N TRP A 350 -19.11 -2.40 8.13
CA TRP A 350 -19.17 -1.76 9.45
C TRP A 350 -18.73 -0.31 9.36
N ILE A 351 -17.89 0.00 8.38
CA ILE A 351 -17.42 1.36 8.20
C ILE A 351 -18.65 2.24 8.00
N ASN A 352 -19.58 1.74 7.18
CA ASN A 352 -20.84 2.41 6.90
C ASN A 352 -20.70 3.93 6.82
N ASP A 353 -19.91 4.38 5.86
CA ASP A 353 -19.67 5.81 5.66
C ASP A 353 -19.00 5.99 4.30
N LYS A 354 -18.92 7.23 3.83
CA LYS A 354 -18.32 7.53 2.54
C LYS A 354 -16.83 7.82 2.75
N VAL A 355 -16.01 6.82 2.49
CA VAL A 355 -14.57 6.95 2.69
C VAL A 355 -13.79 7.67 1.60
N GLN A 356 -14.20 7.54 0.34
CA GLN A 356 -13.53 8.18 -0.81
C GLN A 356 -12.06 8.48 -0.51
N LEU A 357 -11.30 7.43 -0.23
CA LEU A 357 -9.91 7.52 0.18
C LEU A 357 -8.96 8.54 -0.44
N ILE A 358 -8.69 8.41 -1.72
CA ILE A 358 -7.75 9.30 -2.38
C ILE A 358 -8.13 10.78 -2.25
N PRO A 359 -9.40 11.13 -2.55
CA PRO A 359 -9.78 12.54 -2.42
C PRO A 359 -9.63 12.98 -0.95
N ARG A 360 -9.91 12.06 -0.03
CA ARG A 360 -9.79 12.31 1.41
C ARG A 360 -8.34 12.61 1.81
N LEU A 361 -7.42 11.80 1.31
CA LEU A 361 -5.99 11.98 1.60
C LEU A 361 -5.51 13.31 1.01
N LYS A 362 -5.91 13.59 -0.22
CA LYS A 362 -5.53 14.82 -0.89
C LYS A 362 -6.06 16.05 -0.16
N ASN A 363 -7.31 15.98 0.30
CA ASN A 363 -7.91 17.09 1.01
C ASN A 363 -7.25 17.28 2.37
N TRP A 364 -6.95 16.17 3.06
CA TRP A 364 -6.29 16.27 4.36
C TRP A 364 -4.92 16.92 4.27
N VAL A 365 -4.18 16.60 3.21
CA VAL A 365 -2.86 17.18 3.03
C VAL A 365 -2.99 18.67 2.68
N SER A 366 -3.87 18.97 1.74
CA SER A 366 -4.09 20.34 1.31
C SER A 366 -4.61 21.24 2.43
N THR A 367 -5.41 20.66 3.32
CA THR A 367 -6.00 21.39 4.42
C THR A 367 -5.16 21.47 5.70
N TYR A 368 -4.42 20.41 6.00
CA TYR A 368 -3.62 20.39 7.23
C TYR A 368 -2.09 20.39 7.10
N TYR A 369 -1.57 20.12 5.91
CA TYR A 369 -0.11 20.13 5.70
C TYR A 369 0.24 20.18 4.22
N PRO A 370 -0.02 21.32 3.57
CA PRO A 370 0.24 21.56 2.15
C PRO A 370 1.63 21.13 1.70
N GLY A 371 1.71 20.64 0.47
CA GLY A 371 2.97 20.21 -0.09
C GLY A 371 3.35 18.77 0.23
N THR A 372 2.62 18.16 1.14
CA THR A 372 2.88 16.78 1.53
C THR A 372 2.28 15.82 0.51
N LEU A 373 3.07 14.85 0.06
CA LEU A 373 2.59 13.90 -0.93
C LEU A 373 1.61 12.90 -0.30
N THR A 374 0.93 12.14 -1.15
CA THR A 374 -0.05 11.19 -0.67
C THR A 374 0.22 9.75 -1.12
N ALA A 375 -0.06 8.77 -0.25
CA ALA A 375 0.22 7.38 -0.59
C ALA A 375 -0.58 6.32 0.15
N ILE A 376 -0.76 5.18 -0.51
CA ILE A 376 -1.45 4.03 0.06
C ILE A 376 -0.41 2.91 -0.04
N THR A 377 0.39 2.79 1.01
CA THR A 377 1.47 1.83 1.07
C THR A 377 1.08 0.38 1.35
N GLU A 378 -0.22 0.09 1.35
CA GLU A 378 -0.70 -1.26 1.56
C GLU A 378 -2.16 -1.37 1.18
N TYR A 379 -2.45 -2.31 0.29
CA TYR A 379 -3.81 -2.54 -0.16
C TYR A 379 -3.84 -3.89 -0.86
N ASN A 380 -5.03 -4.50 -0.91
CA ASN A 380 -5.19 -5.79 -1.57
C ASN A 380 -6.66 -6.10 -1.61
N TRP A 381 -7.20 -6.31 -2.81
CA TRP A 381 -8.61 -6.60 -2.94
C TRP A 381 -8.94 -8.10 -3.07
N GLY A 382 -7.91 -8.93 -3.01
CA GLY A 382 -8.09 -10.38 -3.06
C GLY A 382 -8.36 -11.08 -4.39
N ALA A 383 -8.59 -12.39 -4.31
CA ALA A 383 -8.90 -13.23 -5.47
C ALA A 383 -7.82 -13.14 -6.54
N GLU A 384 -6.57 -13.12 -6.10
CA GLU A 384 -5.45 -12.99 -7.01
C GLU A 384 -5.39 -14.00 -8.17
N SER A 385 -5.69 -15.26 -7.89
CA SER A 385 -5.64 -16.28 -8.94
C SER A 385 -6.91 -16.32 -9.78
N HIS A 386 -7.85 -15.42 -9.50
CA HIS A 386 -9.11 -15.39 -10.23
C HIS A 386 -9.26 -14.12 -11.09
N ILE A 387 -9.90 -14.26 -12.25
CA ILE A 387 -10.09 -13.15 -13.17
C ILE A 387 -10.73 -11.94 -12.48
N ASN A 388 -11.62 -12.20 -11.50
CA ASN A 388 -12.29 -11.14 -10.76
C ASN A 388 -11.26 -10.32 -9.99
N GLY A 389 -10.20 -10.98 -9.57
CA GLY A 389 -9.16 -10.29 -8.83
C GLY A 389 -8.36 -9.41 -9.78
N ALA A 390 -8.17 -9.89 -11.00
CA ALA A 390 -7.44 -9.15 -12.02
C ALA A 390 -8.19 -7.90 -12.50
N THR A 391 -9.48 -8.06 -12.80
CA THR A 391 -10.27 -6.91 -13.25
C THR A 391 -10.28 -5.86 -12.14
N THR A 392 -10.33 -6.32 -10.89
CA THR A 392 -10.35 -5.42 -9.76
C THR A 392 -9.01 -4.69 -9.60
N GLN A 393 -7.92 -5.43 -9.72
CA GLN A 393 -6.58 -4.85 -9.60
C GLN A 393 -6.35 -3.82 -10.70
N ALA A 394 -6.79 -4.16 -11.92
CA ALA A 394 -6.62 -3.25 -13.05
C ALA A 394 -7.48 -2.01 -12.78
N ASP A 395 -8.62 -2.21 -12.13
CA ASP A 395 -9.52 -1.12 -11.79
C ASP A 395 -8.82 -0.21 -10.77
N ILE A 396 -8.19 -0.80 -9.76
CA ILE A 396 -7.50 -0.04 -8.73
C ILE A 396 -6.37 0.79 -9.33
N LEU A 397 -5.56 0.18 -10.19
CA LEU A 397 -4.46 0.90 -10.81
C LEU A 397 -4.96 2.11 -11.61
N GLY A 398 -6.09 1.94 -12.30
CA GLY A 398 -6.65 3.04 -13.08
C GLY A 398 -7.12 4.15 -12.16
N ILE A 399 -7.83 3.77 -11.11
CA ILE A 399 -8.33 4.73 -10.15
C ILE A 399 -7.16 5.56 -9.58
N PHE A 400 -6.06 4.89 -9.22
CA PHE A 400 -4.89 5.55 -8.67
C PHE A 400 -4.38 6.70 -9.55
N GLY A 401 -4.19 6.40 -10.84
CA GLY A 401 -3.69 7.39 -11.76
C GLY A 401 -4.65 8.52 -12.03
N ARG A 402 -5.94 8.22 -12.07
CA ARG A 402 -6.96 9.21 -12.34
C ARG A 402 -7.19 10.15 -11.16
N GLU A 403 -7.18 9.60 -9.96
CA GLU A 403 -7.43 10.39 -8.76
C GLU A 403 -6.23 11.17 -8.24
N GLY A 404 -5.06 10.94 -8.83
CA GLY A 404 -3.86 11.67 -8.43
C GLY A 404 -3.11 11.17 -7.21
N LEU A 405 -3.21 9.87 -6.92
CA LEU A 405 -2.48 9.32 -5.78
C LEU A 405 -1.00 9.48 -6.14
N ASP A 406 -0.18 9.90 -5.19
CA ASP A 406 1.23 10.06 -5.52
C ASP A 406 2.00 8.75 -5.53
N MET A 407 1.73 7.87 -4.57
CA MET A 407 2.42 6.57 -4.48
C MET A 407 1.49 5.50 -3.92
N ALA A 408 1.84 4.24 -4.16
CA ALA A 408 1.08 3.10 -3.67
C ALA A 408 1.95 1.84 -3.68
N ALA A 409 1.69 0.94 -2.73
CA ALA A 409 2.44 -0.31 -2.62
C ALA A 409 1.46 -1.44 -2.30
N ARG A 410 1.16 -2.26 -3.30
CA ARG A 410 0.25 -3.39 -3.10
C ARG A 410 0.80 -4.27 -1.98
N TRP A 411 -0.03 -4.77 -1.07
CA TRP A 411 0.56 -5.63 -0.02
C TRP A 411 0.88 -6.96 -0.68
N THR A 412 2.16 -7.12 -1.00
CA THR A 412 2.72 -8.30 -1.64
C THR A 412 2.38 -8.43 -3.10
N THR A 413 3.33 -9.01 -3.83
CA THR A 413 3.29 -9.24 -5.26
C THR A 413 2.57 -10.54 -5.63
N PRO A 414 1.61 -10.48 -6.58
CA PRO A 414 0.90 -11.71 -6.96
C PRO A 414 1.81 -12.68 -7.71
N ASP A 415 1.52 -13.96 -7.63
CA ASP A 415 2.30 -15.01 -8.28
C ASP A 415 2.32 -14.74 -9.79
N THR A 416 3.45 -14.99 -10.43
CA THR A 416 3.60 -14.77 -11.87
C THR A 416 2.57 -15.51 -12.74
N ALA A 417 2.12 -16.67 -12.29
CA ALA A 417 1.14 -17.45 -13.04
C ALA A 417 -0.28 -16.90 -12.91
N THR A 418 -0.46 -16.02 -11.94
CA THR A 418 -1.76 -15.44 -11.64
C THR A 418 -2.27 -14.45 -12.70
N PRO A 419 -3.60 -14.28 -12.82
CA PRO A 419 -4.13 -13.34 -13.81
C PRO A 419 -4.02 -11.89 -13.31
N THR A 420 -3.92 -11.75 -11.99
CA THR A 420 -3.78 -10.45 -11.36
C THR A 420 -2.41 -9.87 -11.69
N TYR A 421 -1.42 -10.75 -11.76
CA TYR A 421 -0.05 -10.39 -12.09
C TYR A 421 -0.06 -9.76 -13.49
N LYS A 422 -0.88 -10.33 -14.39
CA LYS A 422 -1.00 -9.82 -15.75
C LYS A 422 -1.71 -8.49 -15.77
N ALA A 423 -2.69 -8.33 -14.89
CA ALA A 423 -3.45 -7.10 -14.83
C ALA A 423 -2.49 -5.94 -14.64
N ILE A 424 -1.50 -6.12 -13.77
CA ILE A 424 -0.51 -5.10 -13.51
C ILE A 424 0.33 -4.92 -14.75
N LYS A 425 0.66 -6.03 -15.38
CA LYS A 425 1.48 -6.02 -16.59
C LYS A 425 0.77 -5.30 -17.74
N MET A 426 -0.57 -5.34 -17.74
CA MET A 426 -1.36 -4.68 -18.78
C MET A 426 -1.10 -3.18 -18.76
N TYR A 427 -0.72 -2.66 -17.61
CA TYR A 427 -0.43 -1.24 -17.43
C TYR A 427 1.04 -0.90 -17.64
N ARG A 428 1.92 -1.82 -17.25
CA ARG A 428 3.35 -1.54 -17.33
C ARG A 428 4.26 -2.30 -18.29
N ASN A 429 3.74 -3.35 -18.94
CA ASN A 429 4.52 -4.14 -19.89
C ASN A 429 3.60 -5.10 -20.63
N TYR A 430 2.67 -4.51 -21.38
CA TYR A 430 1.66 -5.24 -22.12
C TYR A 430 2.16 -5.95 -23.37
N ASP A 431 3.26 -5.47 -23.94
CA ASP A 431 3.80 -6.06 -25.16
C ASP A 431 5.10 -6.82 -24.94
N GLY A 432 5.52 -6.94 -23.68
CA GLY A 432 6.76 -7.64 -23.40
C GLY A 432 7.98 -6.79 -23.71
N ASN A 433 7.74 -5.56 -24.15
CA ASN A 433 8.80 -4.61 -24.51
C ASN A 433 8.92 -3.47 -23.50
N LYS A 434 8.26 -3.60 -22.36
CA LYS A 434 8.27 -2.58 -21.31
C LYS A 434 7.38 -1.39 -21.71
N SER A 435 6.55 -1.58 -22.73
CA SER A 435 5.63 -0.54 -23.16
C SER A 435 4.57 -0.41 -22.07
N ALA A 436 4.23 0.82 -21.70
CA ALA A 436 3.27 1.02 -20.63
C ALA A 436 2.15 1.98 -20.93
N PHE A 437 1.26 2.11 -19.95
CA PHE A 437 0.11 3.01 -20.00
C PHE A 437 0.69 4.42 -20.01
N GLY A 438 -0.05 5.37 -20.53
CA GLY A 438 0.42 6.75 -20.59
C GLY A 438 0.72 7.37 -19.24
N ASP A 439 1.51 8.43 -19.23
CA ASP A 439 1.90 9.12 -18.01
C ASP A 439 1.11 10.41 -17.77
N THR A 440 0.24 10.77 -18.70
CA THR A 440 -0.57 11.97 -18.54
C THR A 440 -2.05 11.61 -18.56
N SER A 441 -2.64 11.52 -17.37
CA SER A 441 -4.04 11.17 -17.24
C SER A 441 -4.98 12.17 -17.89
N VAL A 442 -6.01 11.65 -18.57
CA VAL A 442 -7.01 12.48 -19.21
C VAL A 442 -8.36 11.87 -18.92
N THR A 443 -9.40 12.70 -18.95
CA THR A 443 -10.74 12.25 -18.65
C THR A 443 -11.28 11.17 -19.57
N ALA A 444 -11.88 10.17 -18.93
CA ALA A 444 -12.50 9.03 -19.59
C ALA A 444 -13.69 8.72 -18.68
N THR A 445 -14.90 8.88 -19.19
CA THR A 445 -16.06 8.62 -18.35
C THR A 445 -16.89 7.44 -18.82
N ALA A 446 -17.24 6.59 -17.86
CA ALA A 446 -18.05 5.42 -18.10
C ALA A 446 -19.31 5.59 -17.25
N PRO A 447 -20.48 5.32 -17.84
CA PRO A 447 -21.79 5.44 -17.18
C PRO A 447 -21.96 4.62 -15.91
N ASN A 448 -21.26 3.50 -15.81
CA ASN A 448 -21.36 2.69 -14.60
C ASN A 448 -20.13 1.83 -14.37
N PRO A 449 -19.19 2.31 -13.54
CA PRO A 449 -17.96 1.59 -13.23
C PRO A 449 -18.20 0.22 -12.60
N ASP A 450 -19.37 0.02 -12.00
CA ASP A 450 -19.67 -1.26 -11.38
C ASP A 450 -19.64 -2.42 -12.38
N ASN A 451 -20.07 -2.20 -13.62
CA ASN A 451 -20.00 -3.29 -14.59
C ASN A 451 -18.98 -3.06 -15.71
N VAL A 452 -18.63 -1.80 -15.95
CA VAL A 452 -17.61 -1.47 -16.95
C VAL A 452 -17.02 -0.10 -16.66
N SER A 453 -15.72 -0.07 -16.40
CA SER A 453 -15.04 1.18 -16.09
C SER A 453 -13.96 1.42 -17.13
N ALA A 454 -13.47 2.67 -17.21
CA ALA A 454 -12.45 3.01 -18.18
C ALA A 454 -11.52 4.07 -17.64
N PHE A 455 -10.30 4.07 -18.15
CA PHE A 455 -9.31 5.03 -17.73
C PHE A 455 -8.47 5.38 -18.95
N ALA A 456 -8.02 6.63 -19.03
CA ALA A 456 -7.22 7.04 -20.17
C ALA A 456 -6.05 7.94 -19.78
N ALA A 457 -5.09 8.00 -20.69
CA ALA A 457 -3.91 8.83 -20.51
C ALA A 457 -3.19 8.97 -21.85
N VAL A 458 -2.31 9.96 -21.93
CA VAL A 458 -1.54 10.20 -23.15
C VAL A 458 -0.09 9.95 -22.80
N ARG A 459 0.55 9.10 -23.58
CA ARG A 459 1.96 8.75 -23.37
C ARG A 459 2.82 9.92 -23.85
N SER A 460 3.87 10.25 -23.11
CA SER A 460 4.74 11.37 -23.47
C SER A 460 5.79 11.05 -24.52
N SER A 461 6.40 9.87 -24.42
CA SER A 461 7.43 9.45 -25.36
C SER A 461 6.85 9.17 -26.74
N ASP A 462 5.76 8.40 -26.76
CA ASP A 462 5.09 8.00 -27.98
C ASP A 462 4.10 9.04 -28.49
N GLY A 463 3.41 9.68 -27.56
CA GLY A 463 2.41 10.68 -27.92
C GLY A 463 1.08 9.97 -28.09
N ALA A 464 1.10 8.65 -27.93
CA ALA A 464 -0.08 7.83 -28.08
C ALA A 464 -1.08 7.97 -26.94
N LEU A 465 -2.35 7.68 -27.26
CA LEU A 465 -3.43 7.73 -26.30
C LEU A 465 -3.70 6.31 -25.86
N THR A 466 -3.56 6.05 -24.57
CA THR A 466 -3.82 4.72 -24.03
C THR A 466 -5.11 4.70 -23.25
N VAL A 467 -6.02 3.80 -23.63
CA VAL A 467 -7.30 3.69 -22.97
C VAL A 467 -7.52 2.27 -22.45
N MET A 468 -7.66 2.15 -21.13
CA MET A 468 -7.89 0.86 -20.49
C MET A 468 -9.38 0.70 -20.21
N VAL A 469 -9.95 -0.41 -20.68
CA VAL A 469 -11.37 -0.66 -20.47
C VAL A 469 -11.54 -2.00 -19.74
N ILE A 470 -12.21 -1.95 -18.59
CA ILE A 470 -12.44 -3.16 -17.80
C ILE A 470 -13.92 -3.54 -17.81
N ASN A 471 -14.22 -4.74 -18.33
CA ASN A 471 -15.59 -5.22 -18.36
C ASN A 471 -15.78 -6.11 -17.12
N LYS A 472 -16.49 -5.58 -16.12
CA LYS A 472 -16.68 -6.32 -14.88
C LYS A 472 -17.86 -7.28 -14.87
N TYR A 473 -18.65 -7.26 -15.94
CA TYR A 473 -19.81 -8.16 -16.04
C TYR A 473 -19.38 -9.61 -15.89
N LEU A 474 -20.16 -10.40 -15.15
CA LEU A 474 -19.83 -11.80 -14.94
C LEU A 474 -20.17 -12.68 -16.15
N SER A 475 -21.01 -12.19 -17.05
CA SER A 475 -21.37 -12.98 -18.23
C SER A 475 -21.80 -12.14 -19.41
N GLY A 476 -21.73 -12.73 -20.61
CA GLY A 476 -22.13 -12.05 -21.82
C GLY A 476 -21.15 -11.04 -22.37
N ASN A 477 -21.18 -10.87 -23.68
CA ASN A 477 -20.31 -9.92 -24.35
C ASN A 477 -20.89 -8.54 -24.13
N THR A 478 -20.05 -7.52 -24.21
CA THR A 478 -20.51 -6.16 -24.02
C THR A 478 -20.03 -5.27 -25.16
N PRO A 479 -20.96 -4.85 -26.03
CA PRO A 479 -20.57 -4.00 -27.15
C PRO A 479 -20.16 -2.64 -26.59
N ALA A 480 -19.06 -2.10 -27.09
CA ALA A 480 -18.58 -0.82 -26.60
C ALA A 480 -18.07 0.11 -27.69
N THR A 481 -18.38 1.39 -27.52
CA THR A 481 -17.97 2.41 -28.47
C THR A 481 -17.23 3.51 -27.70
N ILE A 482 -16.01 3.80 -28.13
CA ILE A 482 -15.20 4.82 -27.49
C ILE A 482 -15.17 6.11 -28.31
N ASN A 483 -15.73 7.18 -27.76
CA ASN A 483 -15.73 8.46 -28.45
C ASN A 483 -14.59 9.36 -27.96
N LEU A 484 -13.71 9.71 -28.88
CA LEU A 484 -12.57 10.56 -28.57
C LEU A 484 -12.89 12.04 -28.76
N SER A 485 -12.19 12.87 -28.01
CA SER A 485 -12.36 14.33 -28.08
C SER A 485 -11.00 14.98 -27.97
N ASN A 486 -10.71 15.87 -28.90
CA ASN A 486 -9.44 16.59 -28.91
C ASN A 486 -8.21 15.71 -29.05
N PHE A 487 -8.28 14.71 -29.92
CA PHE A 487 -7.14 13.83 -30.18
C PHE A 487 -7.15 13.37 -31.62
N THR A 488 -6.15 13.79 -32.39
CA THR A 488 -6.04 13.39 -33.79
C THR A 488 -5.26 12.09 -33.79
N ALA A 489 -5.93 10.99 -34.13
CA ALA A 489 -5.27 9.70 -34.15
C ALA A 489 -5.22 9.14 -35.56
N GLN A 490 -4.39 8.11 -35.75
CA GLN A 490 -4.26 7.46 -37.05
C GLN A 490 -5.54 6.64 -37.27
N ALA A 491 -5.62 5.92 -38.40
CA ALA A 491 -6.83 5.16 -38.68
C ALA A 491 -7.02 3.91 -37.83
N GLN A 492 -5.93 3.36 -37.29
CA GLN A 492 -6.06 2.17 -36.47
C GLN A 492 -5.48 2.24 -35.06
N ALA A 493 -6.19 1.60 -34.14
CA ALA A 493 -5.79 1.53 -32.75
C ALA A 493 -5.39 0.10 -32.42
N GLN A 494 -4.27 -0.07 -31.72
CA GLN A 494 -3.82 -1.41 -31.34
C GLN A 494 -4.67 -1.92 -30.20
N VAL A 495 -4.80 -3.24 -30.09
CA VAL A 495 -5.61 -3.83 -29.04
C VAL A 495 -4.93 -5.01 -28.34
N TRP A 496 -4.87 -4.95 -27.01
CA TRP A 496 -4.31 -5.99 -26.17
C TRP A 496 -5.41 -6.36 -25.19
N GLN A 497 -5.56 -7.65 -24.90
CA GLN A 497 -6.65 -8.07 -24.02
C GLN A 497 -6.32 -9.20 -23.04
N LEU A 498 -6.97 -9.14 -21.87
CA LEU A 498 -6.76 -10.15 -20.84
C LEU A 498 -8.12 -10.67 -20.37
N THR A 499 -8.26 -11.99 -20.28
CA THR A 499 -9.50 -12.61 -19.80
C THR A 499 -9.13 -13.78 -18.90
N ALA A 500 -10.13 -14.53 -18.47
CA ALA A 500 -9.88 -15.68 -17.60
C ALA A 500 -8.96 -16.68 -18.29
N ALA A 501 -8.73 -16.50 -19.58
CA ALA A 501 -7.84 -17.38 -20.34
C ALA A 501 -6.42 -17.20 -19.80
N ASN A 502 -6.25 -16.19 -18.97
CA ASN A 502 -4.98 -15.88 -18.33
C ASN A 502 -3.84 -15.74 -19.31
N THR A 503 -4.05 -14.88 -20.31
CA THR A 503 -3.04 -14.64 -21.33
C THR A 503 -3.24 -13.26 -21.94
N ILE A 504 -2.16 -12.50 -22.02
CA ILE A 504 -2.21 -11.19 -22.63
C ILE A 504 -2.16 -11.40 -24.14
N ASN A 505 -3.32 -11.29 -24.78
CA ASN A 505 -3.42 -11.48 -26.21
C ASN A 505 -3.37 -10.17 -26.99
N HIS A 506 -2.64 -10.19 -28.09
CA HIS A 506 -2.53 -9.03 -28.97
C HIS A 506 -3.56 -9.29 -30.06
N LEU A 507 -4.74 -8.68 -29.93
CA LEU A 507 -5.81 -8.87 -30.90
C LEU A 507 -5.54 -8.09 -32.17
N SER A 508 -6.47 -8.22 -33.11
CA SER A 508 -6.37 -7.52 -34.39
C SER A 508 -6.65 -6.02 -34.19
N ASN A 509 -6.01 -5.19 -34.99
CA ASN A 509 -6.23 -3.74 -34.89
C ASN A 509 -7.70 -3.43 -35.14
N VAL A 510 -8.17 -2.31 -34.59
CA VAL A 510 -9.55 -1.89 -34.80
C VAL A 510 -9.49 -0.55 -35.51
N SER A 511 -10.34 -0.36 -36.50
CA SER A 511 -10.31 0.88 -37.25
C SER A 511 -11.21 1.99 -36.75
N LEU A 512 -10.80 3.21 -37.10
CA LEU A 512 -11.53 4.42 -36.77
C LEU A 512 -12.84 4.43 -37.54
N SER A 513 -13.74 5.28 -37.11
CA SER A 513 -15.03 5.49 -37.77
C SER A 513 -15.20 6.94 -37.37
N GLY A 514 -14.25 7.74 -37.83
CA GLY A 514 -14.24 9.14 -37.50
C GLY A 514 -13.49 9.27 -36.19
N SER A 515 -14.14 9.88 -35.22
CA SER A 515 -13.54 10.08 -33.91
C SER A 515 -14.09 9.09 -32.90
N SER A 516 -14.25 7.84 -33.33
CA SER A 516 -14.74 6.81 -32.44
C SER A 516 -14.38 5.45 -32.98
N LEU A 517 -14.43 4.47 -32.10
CA LEU A 517 -14.13 3.09 -32.45
C LEU A 517 -15.01 2.18 -31.61
N SER A 518 -15.50 1.10 -32.22
CA SER A 518 -16.34 0.15 -31.51
C SER A 518 -15.66 -1.21 -31.47
N LEU A 519 -16.04 -2.01 -30.48
CA LEU A 519 -15.49 -3.34 -30.33
C LEU A 519 -16.36 -4.10 -29.33
N THR A 520 -16.21 -5.42 -29.33
CA THR A 520 -16.99 -6.25 -28.43
C THR A 520 -16.09 -6.69 -27.29
N LEU A 521 -16.55 -6.49 -26.05
CA LEU A 521 -15.78 -6.83 -24.87
C LEU A 521 -16.25 -8.11 -24.20
N PRO A 522 -15.36 -9.10 -24.05
CA PRO A 522 -15.73 -10.36 -23.41
C PRO A 522 -16.02 -10.10 -21.94
N ALA A 523 -16.82 -10.95 -21.32
CA ALA A 523 -17.14 -10.79 -19.90
C ALA A 523 -15.86 -10.87 -19.08
N GLN A 524 -15.82 -10.16 -17.95
CA GLN A 524 -14.66 -10.16 -17.08
C GLN A 524 -13.36 -10.08 -17.88
N SER A 525 -13.08 -8.91 -18.43
CA SER A 525 -11.88 -8.72 -19.24
C SER A 525 -11.24 -7.35 -19.08
N VAL A 526 -9.95 -7.29 -19.34
CA VAL A 526 -9.20 -6.04 -19.28
C VAL A 526 -8.65 -5.78 -20.67
N THR A 527 -9.15 -4.75 -21.33
CA THR A 527 -8.69 -4.45 -22.67
C THR A 527 -7.97 -3.12 -22.76
N LEU A 528 -6.83 -3.13 -23.43
CA LEU A 528 -6.02 -1.94 -23.61
C LEU A 528 -6.05 -1.52 -25.08
N LEU A 529 -6.32 -0.23 -25.30
CA LEU A 529 -6.35 0.30 -26.65
C LEU A 529 -5.22 1.31 -26.75
N VAL A 530 -4.36 1.10 -27.76
CA VAL A 530 -3.23 1.99 -27.99
C VAL A 530 -3.50 2.73 -29.30
N ILE A 531 -3.96 3.96 -29.17
CA ILE A 531 -4.31 4.82 -30.30
C ILE A 531 -3.22 5.84 -30.60
N PRO A 532 -2.37 5.58 -31.61
CA PRO A 532 -1.28 6.49 -32.00
C PRO A 532 -1.78 7.87 -32.43
N ALA A 533 -0.90 8.87 -32.34
CA ALA A 533 -1.26 10.23 -32.72
C ALA A 533 -1.05 10.57 -34.21
N SER A 534 -1.70 11.55 -34.77
CA SER A 534 -1.28 12.30 -36.08
C SER A 534 -2.02 11.82 -37.18
ZN ZN B . 5.61 3.68 22.89
ZN ZN C . 27.84 -0.07 8.32
ZN ZN D . -1.13 16.76 23.33
#